data_7F0A
#
_entry.id   7F0A
#
_cell.length_a   91.969
_cell.length_b   91.969
_cell.length_c   120.053
_cell.angle_alpha   90.000
_cell.angle_beta   90.000
_cell.angle_gamma   90.000
#
_symmetry.space_group_name_H-M   'P 42 2 2'
#
loop_
_entity.id
_entity.type
_entity.pdbx_description
1 polymer 'Capreomycin phosphotransferase'
2 water water
#
_entity_poly.entity_id   1
_entity_poly.type   'polypeptide(L)'
_entity_poly.pdbx_seq_one_letter_code
;MTLSHLVDVVRRAHPDVDLEGAGVHSGQFHDVLIARDRVFRFPKTAGAAAELPGRVAVLTAVDAVELGVGVPVPLSEVRD
GGPHGFLVLSRLHGTPLERGDATSPEVIDVVAAEFARVLRAMAGADVEKLRLVLPVADAGRWRGFAGRVRATLFPLMSED
GRARAERELAAAVAMDHVATGLVHGDLGGENVLWQQVEELPRLTGIVDWDEAKVGDPAEDLAAVGASYGPELVERVVALL
GAGDLWPRIRAYQGTFALQQALAGAEDGDDEELEDGLTAYRKLAAALEHHHHHH
;
_entity_poly.pdbx_strand_id   A
#
# COMPACT_ATOMS: atom_id res chain seq x y z
N THR A 2 7.38 25.56 13.28
CA THR A 2 6.85 25.71 11.89
C THR A 2 5.33 25.44 11.90
N LEU A 3 4.86 24.51 12.73
CA LEU A 3 3.51 23.94 12.53
C LEU A 3 2.50 25.07 12.77
N SER A 4 2.84 26.07 13.59
CA SER A 4 1.92 27.23 13.76
C SER A 4 1.87 27.97 12.41
N HIS A 5 2.97 28.04 11.64
CA HIS A 5 2.94 28.63 10.27
C HIS A 5 2.01 27.77 9.41
N LEU A 6 2.29 26.45 9.29
CA LEU A 6 1.44 25.49 8.54
C LEU A 6 0.00 25.60 9.01
N VAL A 7 -0.21 25.65 10.34
CA VAL A 7 -1.56 25.95 10.88
C VAL A 7 -1.99 27.33 10.39
N ASP A 8 -1.05 28.29 10.32
CA ASP A 8 -1.38 29.67 9.83
C ASP A 8 -1.84 29.56 8.37
N VAL A 9 -1.11 28.79 7.57
CA VAL A 9 -1.50 28.55 6.14
C VAL A 9 -2.90 27.94 6.09
N VAL A 10 -3.15 26.90 6.89
CA VAL A 10 -4.47 26.20 6.84
C VAL A 10 -5.57 27.16 7.25
N ARG A 11 -5.42 27.83 8.39
CA ARG A 11 -6.47 28.77 8.88
C ARG A 11 -6.71 29.84 7.80
N ARG A 12 -5.65 30.34 7.15
CA ARG A 12 -5.74 31.37 6.06
C ARG A 12 -6.53 30.82 4.87
N ALA A 13 -6.24 29.59 4.44
CA ALA A 13 -6.84 28.99 3.22
C ALA A 13 -8.13 28.24 3.56
N HIS A 14 -8.22 27.64 4.76
CA HIS A 14 -9.34 26.77 5.19
C HIS A 14 -9.75 27.18 6.58
N PRO A 15 -10.49 28.32 6.70
CA PRO A 15 -10.79 28.93 7.99
C PRO A 15 -11.63 27.99 8.88
N ASP A 16 -12.44 27.14 8.23
CA ASP A 16 -13.43 26.21 8.88
C ASP A 16 -12.76 25.06 9.64
N VAL A 17 -11.48 24.79 9.45
CA VAL A 17 -10.87 23.50 9.88
C VAL A 17 -10.39 23.63 11.34
N ASP A 18 -10.88 22.76 12.24
CA ASP A 18 -10.54 22.81 13.67
C ASP A 18 -9.26 22.00 13.85
N LEU A 19 -8.13 22.67 14.10
CA LEU A 19 -6.83 21.98 14.30
C LEU A 19 -6.69 21.49 15.73
N GLU A 20 -7.59 21.87 16.64
CA GLU A 20 -7.64 21.29 18.02
C GLU A 20 -8.00 19.79 17.84
N GLY A 21 -7.22 18.93 18.49
CA GLY A 21 -7.30 17.45 18.36
C GLY A 21 -7.22 17.00 16.91
N ALA A 22 -6.31 17.57 16.12
CA ALA A 22 -6.09 17.16 14.71
C ALA A 22 -4.86 16.26 14.65
N GLY A 23 -5.00 15.12 13.96
CA GLY A 23 -3.86 14.20 13.74
C GLY A 23 -2.68 14.97 13.17
N VAL A 24 -1.47 14.58 13.53
CA VAL A 24 -0.23 15.16 12.95
C VAL A 24 0.76 14.03 12.71
N HIS A 25 1.22 13.89 11.47
CA HIS A 25 2.24 12.90 11.01
C HIS A 25 3.30 13.67 10.23
N SER A 26 4.52 13.75 10.77
CA SER A 26 5.67 14.50 10.19
C SER A 26 6.64 13.52 9.54
N GLY A 27 7.85 14.00 9.23
CA GLY A 27 8.90 13.24 8.53
C GLY A 27 9.99 14.18 8.05
N GLN A 28 10.92 13.68 7.23
CA GLN A 28 11.99 14.51 6.58
C GLN A 28 11.41 15.14 5.32
N PHE A 29 10.21 14.71 4.91
CA PHE A 29 9.63 14.84 3.55
C PHE A 29 8.38 15.76 3.56
N HIS A 30 7.49 15.58 4.54
CA HIS A 30 6.08 16.04 4.53
C HIS A 30 5.57 16.21 5.96
N ASP A 31 4.86 17.30 6.26
CA ASP A 31 3.93 17.39 7.43
C ASP A 31 2.54 17.17 6.88
N VAL A 32 1.74 16.38 7.60
CA VAL A 32 0.32 16.07 7.29
C VAL A 32 -0.53 16.41 8.51
N LEU A 33 -1.53 17.27 8.32
CA LEU A 33 -2.56 17.58 9.33
C LEU A 33 -3.78 16.77 8.98
N ILE A 34 -4.20 15.88 9.88
CA ILE A 34 -5.40 15.04 9.68
C ILE A 34 -6.53 15.73 10.43
N ALA A 35 -7.38 16.44 9.72
CA ALA A 35 -8.58 17.09 10.29
C ALA A 35 -9.69 16.04 10.26
N ARG A 36 -10.93 16.46 10.42
CA ARG A 36 -12.12 15.58 10.50
C ARG A 36 -12.31 14.95 9.12
N ASP A 37 -12.65 15.79 8.14
CA ASP A 37 -13.12 15.40 6.79
C ASP A 37 -11.99 15.51 5.75
N ARG A 38 -10.76 15.83 6.17
CA ARG A 38 -9.75 16.46 5.29
C ARG A 38 -8.35 16.16 5.82
N VAL A 39 -7.45 15.94 4.88
CA VAL A 39 -5.99 15.81 5.13
C VAL A 39 -5.30 16.95 4.36
N PHE A 40 -4.28 17.54 4.98
CA PHE A 40 -3.45 18.64 4.40
C PHE A 40 -2.02 18.12 4.33
N ARG A 41 -1.46 17.94 3.13
CA ARG A 41 -0.06 17.52 3.00
C ARG A 41 0.79 18.74 2.65
N PHE A 42 1.85 18.97 3.43
CA PHE A 42 2.81 20.09 3.31
C PHE A 42 4.21 19.54 3.04
N PRO A 43 4.71 19.54 1.79
CA PRO A 43 6.10 19.18 1.54
C PRO A 43 7.03 20.08 2.36
N LYS A 44 8.28 19.62 2.56
CA LYS A 44 9.29 20.28 3.44
C LYS A 44 10.39 20.89 2.58
N THR A 45 10.59 20.41 1.36
CA THR A 45 11.65 20.87 0.44
C THR A 45 11.05 21.06 -0.95
N ALA A 46 11.74 21.84 -1.78
CA ALA A 46 11.35 22.19 -3.15
C ALA A 46 11.25 20.91 -4.00
N GLY A 47 12.04 19.89 -3.66
CA GLY A 47 12.11 18.58 -4.37
C GLY A 47 10.87 17.73 -4.14
N ALA A 48 10.49 17.56 -2.85
CA ALA A 48 9.30 16.79 -2.38
C ALA A 48 7.98 17.42 -2.84
N ALA A 49 8.01 18.64 -3.40
CA ALA A 49 6.79 19.36 -3.83
C ALA A 49 6.26 18.74 -5.13
N ALA A 50 7.11 18.10 -5.94
CA ALA A 50 6.67 17.40 -7.17
C ALA A 50 5.82 16.17 -6.80
N GLU A 51 5.88 15.71 -5.54
CA GLU A 51 4.93 14.69 -5.03
C GLU A 51 3.51 15.17 -5.25
N LEU A 52 3.19 16.47 -5.10
CA LEU A 52 1.77 16.84 -4.99
C LEU A 52 1.04 16.54 -6.31
N PRO A 53 1.51 16.97 -7.49
CA PRO A 53 0.88 16.60 -8.75
C PRO A 53 0.92 15.07 -9.00
N GLY A 54 1.95 14.41 -8.52
CA GLY A 54 2.08 12.94 -8.60
C GLY A 54 0.93 12.26 -7.84
N ARG A 55 0.64 12.72 -6.64
CA ARG A 55 -0.44 12.21 -5.79
C ARG A 55 -1.76 12.48 -6.47
N VAL A 56 -1.94 13.67 -7.02
CA VAL A 56 -3.18 14.00 -7.74
C VAL A 56 -3.34 13.03 -8.91
N ALA A 57 -2.29 12.83 -9.68
CA ALA A 57 -2.39 12.08 -10.96
C ALA A 57 -2.71 10.60 -10.65
N VAL A 58 -2.06 10.04 -9.64
CA VAL A 58 -2.25 8.62 -9.23
C VAL A 58 -3.69 8.49 -8.74
N LEU A 59 -4.11 9.33 -7.79
CA LEU A 59 -5.47 9.20 -7.21
C LEU A 59 -6.52 9.42 -8.28
N THR A 60 -6.28 10.33 -9.23
CA THR A 60 -7.24 10.61 -10.31
C THR A 60 -7.36 9.37 -11.22
N ALA A 61 -6.23 8.80 -11.59
CA ALA A 61 -6.20 7.60 -12.47
C ALA A 61 -6.89 6.41 -11.76
N VAL A 62 -6.58 6.19 -10.48
CA VAL A 62 -7.16 5.05 -9.71
C VAL A 62 -8.67 5.28 -9.58
N ASP A 63 -9.06 6.50 -9.26
CA ASP A 63 -10.50 6.84 -9.18
C ASP A 63 -11.18 6.54 -10.50
N ALA A 64 -10.52 6.79 -11.64
CA ALA A 64 -11.12 6.64 -12.98
C ALA A 64 -11.32 5.17 -13.32
N VAL A 65 -10.59 4.27 -12.66
CA VAL A 65 -10.78 2.81 -12.87
C VAL A 65 -12.20 2.40 -12.39
N GLU A 66 -12.78 3.07 -11.41
CA GLU A 66 -14.11 2.67 -10.85
C GLU A 66 -14.00 1.31 -10.17
N LEU A 67 -13.31 1.33 -9.05
CA LEU A 67 -13.06 0.14 -8.22
C LEU A 67 -14.35 -0.29 -7.50
N GLY A 68 -15.28 0.65 -7.26
CA GLY A 68 -16.51 0.41 -6.46
C GLY A 68 -16.30 0.64 -5.00
N VAL A 69 -15.19 1.26 -4.62
CA VAL A 69 -14.87 1.63 -3.22
C VAL A 69 -14.19 3.00 -3.28
N GLY A 70 -14.23 3.73 -2.18
CA GLY A 70 -13.65 5.08 -2.11
C GLY A 70 -12.13 5.03 -2.16
N VAL A 71 -11.56 6.04 -2.76
CA VAL A 71 -10.10 6.29 -2.62
C VAL A 71 -9.97 7.78 -2.30
N PRO A 72 -8.86 8.21 -1.68
CA PRO A 72 -8.72 9.64 -1.34
C PRO A 72 -8.88 10.46 -2.64
N VAL A 73 -9.64 11.55 -2.56
CA VAL A 73 -9.96 12.52 -3.66
C VAL A 73 -9.21 13.82 -3.34
N PRO A 74 -8.43 14.40 -4.28
CA PRO A 74 -7.98 15.80 -4.15
C PRO A 74 -9.18 16.73 -3.97
N LEU A 75 -9.34 17.39 -2.81
CA LEU A 75 -10.50 18.29 -2.54
C LEU A 75 -10.19 19.70 -3.04
N SER A 76 -8.92 20.02 -3.23
CA SER A 76 -8.44 21.30 -3.75
C SER A 76 -7.52 20.95 -4.91
N GLU A 77 -7.24 21.93 -5.76
CA GLU A 77 -6.03 21.95 -6.61
C GLU A 77 -4.82 21.87 -5.67
N VAL A 78 -3.70 21.36 -6.11
CA VAL A 78 -2.42 21.65 -5.45
C VAL A 78 -2.29 23.16 -5.43
N ARG A 79 -1.82 23.72 -4.33
CA ARG A 79 -1.63 25.19 -4.17
C ARG A 79 -0.15 25.45 -3.92
N ASP A 80 0.41 26.64 -4.30
CA ASP A 80 1.80 27.10 -3.92
C ASP A 80 1.80 27.94 -2.61
N GLY A 81 0.77 27.82 -1.79
CA GLY A 81 0.79 28.25 -0.38
C GLY A 81 1.82 27.45 0.40
N GLY A 82 2.13 27.94 1.62
CA GLY A 82 3.16 27.34 2.48
C GLY A 82 4.52 27.39 1.80
N PRO A 83 5.59 26.88 2.44
CA PRO A 83 6.94 26.96 1.88
C PRO A 83 7.10 26.30 0.53
N HIS A 84 6.37 25.21 0.28
CA HIS A 84 6.62 24.35 -0.90
C HIS A 84 5.30 23.81 -1.43
N GLY A 85 4.19 24.45 -1.10
CA GLY A 85 2.88 24.06 -1.65
C GLY A 85 2.15 23.13 -0.70
N PHE A 86 0.88 22.86 -0.97
CA PHE A 86 0.10 21.91 -0.15
C PHE A 86 -1.02 21.33 -0.97
N LEU A 87 -1.48 20.19 -0.51
CA LEU A 87 -2.60 19.45 -1.17
C LEU A 87 -3.62 19.04 -0.09
N VAL A 88 -4.89 19.31 -0.32
CA VAL A 88 -6.01 18.89 0.53
C VAL A 88 -6.64 17.65 -0.14
N LEU A 89 -6.69 16.54 0.59
CA LEU A 89 -7.35 15.28 0.16
C LEU A 89 -8.55 15.01 1.09
N SER A 90 -9.60 14.37 0.59
CA SER A 90 -10.67 13.77 1.43
C SER A 90 -10.05 12.79 2.42
N ARG A 91 -10.65 12.64 3.60
CA ARG A 91 -10.35 11.57 4.57
C ARG A 91 -11.44 10.49 4.39
N LEU A 92 -11.04 9.24 4.30
CA LEU A 92 -12.02 8.13 4.16
C LEU A 92 -12.33 7.66 5.59
N HIS A 93 -13.56 7.23 5.83
CA HIS A 93 -13.98 6.67 7.14
C HIS A 93 -13.92 5.12 7.10
N GLY A 94 -13.70 4.51 8.24
CA GLY A 94 -13.79 3.05 8.40
C GLY A 94 -12.55 2.63 9.10
N THR A 95 -12.38 1.35 9.31
CA THR A 95 -11.32 0.80 10.18
C THR A 95 -10.81 -0.43 9.46
N PRO A 96 -9.53 -0.81 9.61
CA PRO A 96 -9.10 -2.12 9.14
C PRO A 96 -9.89 -3.25 9.80
N LEU A 97 -10.14 -4.31 9.04
CA LEU A 97 -10.79 -5.53 9.55
C LEU A 97 -9.73 -6.31 10.32
N GLU A 98 -9.99 -6.61 11.59
CA GLU A 98 -9.11 -7.52 12.38
C GLU A 98 -9.25 -8.91 11.77
N ARG A 99 -8.18 -9.70 11.75
CA ARG A 99 -8.15 -11.05 11.13
C ARG A 99 -9.27 -11.93 11.74
N GLY A 100 -9.48 -11.91 13.04
CA GLY A 100 -10.56 -12.74 13.64
C GLY A 100 -11.94 -12.30 13.17
N ASP A 101 -12.20 -11.00 13.01
CA ASP A 101 -13.50 -10.52 12.46
C ASP A 101 -13.64 -10.95 10.99
N ALA A 102 -12.58 -10.84 10.16
CA ALA A 102 -12.62 -11.10 8.70
C ALA A 102 -12.97 -12.56 8.42
N THR A 103 -12.60 -13.43 9.33
CA THR A 103 -12.56 -14.89 9.06
C THR A 103 -13.75 -15.63 9.75
N SER A 104 -14.54 -15.00 10.63
CA SER A 104 -15.80 -15.63 11.15
C SER A 104 -16.60 -16.20 10.00
N PRO A 105 -17.17 -17.41 10.21
CA PRO A 105 -17.97 -18.09 9.20
C PRO A 105 -19.16 -17.33 8.60
N GLU A 106 -19.80 -16.48 9.40
CA GLU A 106 -20.98 -15.72 8.91
C GLU A 106 -20.55 -14.51 8.05
N VAL A 107 -19.27 -14.10 8.02
CA VAL A 107 -18.81 -12.88 7.24
C VAL A 107 -17.74 -13.26 6.17
N ILE A 108 -17.07 -14.39 6.28
CA ILE A 108 -15.88 -14.69 5.44
C ILE A 108 -16.26 -14.68 3.97
N ASP A 109 -17.47 -15.11 3.58
CA ASP A 109 -17.87 -15.06 2.16
C ASP A 109 -18.02 -13.59 1.71
N VAL A 110 -18.63 -12.77 2.55
CA VAL A 110 -18.86 -11.35 2.21
C VAL A 110 -17.47 -10.68 2.06
N VAL A 111 -16.60 -10.90 3.02
CA VAL A 111 -15.21 -10.32 3.02
C VAL A 111 -14.51 -10.77 1.73
N ALA A 112 -14.51 -12.05 1.39
CA ALA A 112 -13.86 -12.56 0.19
C ALA A 112 -14.42 -11.80 -1.01
N ALA A 113 -15.75 -11.62 -1.12
CA ALA A 113 -16.32 -10.96 -2.29
C ALA A 113 -15.98 -9.43 -2.31
N GLU A 114 -15.85 -8.79 -1.16
CA GLU A 114 -15.42 -7.36 -1.09
C GLU A 114 -14.00 -7.24 -1.71
N PHE A 115 -13.08 -8.08 -1.30
CA PHE A 115 -11.73 -8.15 -1.95
C PHE A 115 -11.87 -8.50 -3.41
N ALA A 116 -12.69 -9.50 -3.79
CA ALA A 116 -12.75 -9.97 -5.18
C ALA A 116 -13.25 -8.84 -6.06
N ARG A 117 -14.30 -8.13 -5.66
CA ARG A 117 -14.88 -7.15 -6.60
C ARG A 117 -13.88 -6.00 -6.85
N VAL A 118 -13.15 -5.64 -5.83
CA VAL A 118 -12.09 -4.58 -6.03
C VAL A 118 -10.99 -5.15 -6.92
N LEU A 119 -10.44 -6.31 -6.57
CA LEU A 119 -9.34 -6.94 -7.31
C LEU A 119 -9.74 -7.17 -8.74
N ARG A 120 -10.98 -7.56 -8.98
CA ARG A 120 -11.46 -7.80 -10.36
C ARG A 120 -11.43 -6.49 -11.14
N ALA A 121 -11.94 -5.40 -10.55
CA ALA A 121 -11.97 -4.11 -11.22
C ALA A 121 -10.51 -3.63 -11.49
N MET A 122 -9.61 -3.89 -10.55
CA MET A 122 -8.17 -3.54 -10.69
C MET A 122 -7.55 -4.35 -11.83
N ALA A 123 -7.83 -5.66 -11.87
CA ALA A 123 -7.30 -6.60 -12.90
C ALA A 123 -7.85 -6.20 -14.25
N GLY A 124 -9.06 -5.67 -14.28
CA GLY A 124 -9.69 -5.28 -15.56
C GLY A 124 -9.44 -3.85 -15.98
N ALA A 125 -8.61 -3.08 -15.28
CA ALA A 125 -8.33 -1.67 -15.65
C ALA A 125 -7.72 -1.62 -17.06
N ASP A 126 -7.98 -0.53 -17.73
CA ASP A 126 -7.36 -0.17 -19.03
C ASP A 126 -5.88 0.19 -18.76
N VAL A 127 -4.99 -0.75 -18.99
CA VAL A 127 -3.56 -0.66 -18.63
C VAL A 127 -2.85 0.24 -19.64
N GLU A 128 -3.37 0.36 -20.86
CA GLU A 128 -2.84 1.29 -21.88
C GLU A 128 -2.99 2.73 -21.36
N LYS A 129 -4.09 3.04 -20.68
CA LYS A 129 -4.35 4.37 -20.08
C LYS A 129 -3.53 4.52 -18.82
N LEU A 130 -3.53 3.50 -17.94
CA LEU A 130 -2.84 3.61 -16.62
C LEU A 130 -1.34 3.81 -16.85
N ARG A 131 -0.76 3.17 -17.87
CA ARG A 131 0.71 3.21 -18.15
C ARG A 131 1.18 4.61 -18.51
N LEU A 132 0.28 5.53 -18.85
CA LEU A 132 0.66 6.92 -19.16
C LEU A 132 0.80 7.73 -17.86
N VAL A 133 0.43 7.17 -16.71
CA VAL A 133 0.32 7.98 -15.45
C VAL A 133 1.09 7.26 -14.35
N LEU A 134 0.87 5.96 -14.22
CA LEU A 134 1.39 5.17 -13.11
C LEU A 134 2.72 4.56 -13.51
N PRO A 135 3.56 4.26 -12.51
CA PRO A 135 4.69 3.38 -12.72
C PRO A 135 4.26 2.01 -13.26
N VAL A 136 5.21 1.30 -13.88
CA VAL A 136 5.02 -0.04 -14.43
C VAL A 136 6.05 -0.94 -13.75
N ALA A 137 5.63 -2.15 -13.37
CA ALA A 137 6.50 -3.12 -12.69
C ALA A 137 7.71 -3.34 -13.61
N ASP A 138 8.87 -3.31 -13.04
CA ASP A 138 10.10 -3.52 -13.84
C ASP A 138 10.44 -5.01 -13.86
N ALA A 139 10.72 -5.58 -15.03
CA ALA A 139 11.08 -7.02 -15.14
C ALA A 139 12.32 -7.36 -14.30
N GLY A 140 13.20 -6.39 -14.03
CA GLY A 140 14.47 -6.60 -13.31
C GLY A 140 14.32 -6.39 -11.83
N ARG A 141 13.10 -6.11 -11.35
CA ARG A 141 12.89 -5.59 -9.99
C ARG A 141 13.43 -6.56 -8.94
N TRP A 142 13.19 -7.86 -9.08
CA TRP A 142 13.60 -8.87 -8.06
C TRP A 142 15.11 -9.15 -8.09
N ARG A 143 15.75 -9.02 -9.25
CA ARG A 143 17.23 -9.14 -9.35
C ARG A 143 17.91 -8.03 -8.57
N GLY A 144 17.44 -6.79 -8.76
CA GLY A 144 17.88 -5.65 -7.96
C GLY A 144 17.63 -5.85 -6.49
N PHE A 145 16.42 -6.27 -6.11
CA PHE A 145 16.10 -6.45 -4.69
C PHE A 145 17.08 -7.47 -4.08
N ALA A 146 17.38 -8.54 -4.81
CA ALA A 146 18.22 -9.65 -4.30
C ALA A 146 19.63 -9.10 -4.01
N GLY A 147 20.15 -8.26 -4.89
CA GLY A 147 21.47 -7.60 -4.76
C GLY A 147 21.55 -6.79 -3.52
N ARG A 148 20.53 -5.96 -3.28
CA ARG A 148 20.44 -5.16 -2.05
C ARG A 148 20.29 -6.04 -0.81
N VAL A 149 19.47 -7.09 -0.85
CA VAL A 149 19.35 -7.98 0.34
C VAL A 149 20.72 -8.61 0.62
N ARG A 150 21.44 -9.05 -0.39
CA ARG A 150 22.78 -9.67 -0.14
C ARG A 150 23.76 -8.62 0.40
N ALA A 151 23.82 -7.43 -0.17
CA ALA A 151 24.72 -6.33 0.26
C ALA A 151 24.40 -5.95 1.70
N THR A 152 23.13 -5.80 2.04
CA THR A 152 22.72 -5.16 3.33
C THR A 152 22.42 -6.20 4.39
N LEU A 153 21.76 -7.32 4.05
CA LEU A 153 21.23 -8.20 5.12
C LEU A 153 22.02 -9.50 5.27
N PHE A 154 22.53 -10.07 4.20
CA PHE A 154 23.25 -11.38 4.24
C PHE A 154 24.33 -11.43 5.33
N PRO A 155 25.14 -10.37 5.53
CA PRO A 155 26.14 -10.37 6.61
C PRO A 155 25.54 -10.61 8.00
N LEU A 156 24.29 -10.23 8.23
CA LEU A 156 23.66 -10.29 9.57
C LEU A 156 23.02 -11.65 9.80
N MET A 157 23.03 -12.50 8.78
CA MET A 157 22.28 -13.78 8.78
C MET A 157 23.16 -14.97 9.22
N SER A 158 22.55 -16.05 9.68
CA SER A 158 23.21 -17.36 9.78
C SER A 158 23.37 -17.92 8.37
N GLU A 159 24.15 -18.98 8.21
CA GLU A 159 24.34 -19.65 6.90
C GLU A 159 22.98 -20.21 6.42
N ASP A 160 22.24 -20.84 7.32
CA ASP A 160 20.88 -21.39 7.09
C ASP A 160 19.95 -20.25 6.64
N GLY A 161 20.01 -19.11 7.34
CA GLY A 161 19.32 -17.85 6.96
C GLY A 161 19.60 -17.50 5.51
N ARG A 162 20.88 -17.53 5.12
CA ARG A 162 21.27 -17.16 3.75
C ARG A 162 20.66 -18.16 2.76
N ALA A 163 20.70 -19.45 3.07
CA ALA A 163 20.21 -20.52 2.16
C ALA A 163 18.70 -20.29 1.93
N ARG A 164 17.99 -20.03 3.02
CA ARG A 164 16.53 -19.77 3.02
C ARG A 164 16.22 -18.51 2.20
N ALA A 165 16.97 -17.42 2.41
CA ALA A 165 16.80 -16.16 1.68
C ALA A 165 17.09 -16.38 0.21
N GLU A 166 18.14 -17.13 -0.13
CA GLU A 166 18.44 -17.35 -1.56
C GLU A 166 17.27 -18.08 -2.25
N ARG A 167 16.67 -19.05 -1.57
CA ARG A 167 15.52 -19.78 -2.17
C ARG A 167 14.35 -18.80 -2.40
N GLU A 168 14.03 -17.98 -1.38
CA GLU A 168 12.88 -17.03 -1.47
C GLU A 168 13.16 -16.00 -2.56
N LEU A 169 14.39 -15.44 -2.61
CA LEU A 169 14.75 -14.46 -3.63
C LEU A 169 14.67 -15.11 -4.98
N ALA A 170 15.16 -16.35 -5.07
CA ALA A 170 15.10 -17.07 -6.37
C ALA A 170 13.63 -17.27 -6.83
N ALA A 171 12.71 -17.63 -5.96
CA ALA A 171 11.33 -17.90 -6.43
C ALA A 171 10.78 -16.61 -7.05
N ALA A 172 11.18 -15.44 -6.54
CA ALA A 172 10.70 -14.14 -7.06
C ALA A 172 11.40 -13.85 -8.39
N VAL A 173 12.74 -13.96 -8.43
CA VAL A 173 13.50 -13.73 -9.67
C VAL A 173 12.98 -14.70 -10.71
N ALA A 174 12.53 -15.90 -10.31
CA ALA A 174 12.11 -16.89 -11.35
C ALA A 174 10.77 -16.50 -12.00
N MET A 175 9.98 -15.60 -11.43
CA MET A 175 8.64 -15.24 -12.02
C MET A 175 8.85 -14.52 -13.35
N ASP A 176 8.09 -14.91 -14.33
CA ASP A 176 8.04 -14.15 -15.59
C ASP A 176 7.31 -12.83 -15.30
N HIS A 177 7.57 -11.85 -16.13
CA HIS A 177 7.12 -10.47 -15.90
C HIS A 177 5.64 -10.38 -16.28
N VAL A 178 4.78 -9.89 -15.38
CA VAL A 178 3.34 -9.70 -15.66
C VAL A 178 2.98 -8.24 -15.34
N ALA A 179 2.40 -7.54 -16.31
CA ALA A 179 2.00 -6.12 -16.10
C ALA A 179 0.66 -5.96 -16.81
N THR A 180 -0.40 -6.48 -16.22
CA THR A 180 -1.70 -6.60 -16.91
C THR A 180 -2.80 -5.88 -16.16
N GLY A 181 -2.51 -5.29 -15.01
CA GLY A 181 -3.57 -4.77 -14.15
C GLY A 181 -3.07 -3.67 -13.25
N LEU A 182 -3.99 -2.93 -12.65
CA LEU A 182 -3.69 -2.06 -11.50
C LEU A 182 -3.32 -2.92 -10.32
N VAL A 183 -2.24 -2.54 -9.67
CA VAL A 183 -1.75 -3.17 -8.43
C VAL A 183 -1.60 -2.06 -7.39
N HIS A 184 -2.19 -2.28 -6.23
CA HIS A 184 -2.06 -1.36 -5.09
C HIS A 184 -0.63 -1.45 -4.54
N GLY A 185 -0.15 -2.67 -4.33
CA GLY A 185 1.29 -2.87 -4.07
C GLY A 185 1.55 -2.97 -2.61
N ASP A 186 0.61 -2.58 -1.77
CA ASP A 186 0.78 -2.67 -0.32
C ASP A 186 -0.58 -2.99 0.28
N LEU A 187 -1.28 -3.98 -0.28
CA LEU A 187 -2.71 -4.19 0.09
C LEU A 187 -2.81 -5.07 1.34
N GLY A 188 -1.98 -4.81 2.34
CA GLY A 188 -2.18 -5.37 3.70
C GLY A 188 -3.43 -4.80 4.35
N GLY A 189 -3.92 -5.43 5.41
CA GLY A 189 -5.17 -5.04 6.06
C GLY A 189 -5.20 -3.59 6.55
N GLU A 190 -4.10 -3.02 7.02
CA GLU A 190 -4.01 -1.61 7.56
C GLU A 190 -4.43 -0.58 6.50
N ASN A 191 -4.40 -0.92 5.21
CA ASN A 191 -4.66 0.06 4.13
C ASN A 191 -6.09 -0.06 3.60
N VAL A 192 -6.84 -0.97 4.16
CA VAL A 192 -8.16 -1.31 3.63
C VAL A 192 -9.16 -1.00 4.75
N LEU A 193 -10.10 -0.11 4.48
CA LEU A 193 -11.00 0.42 5.52
C LEU A 193 -12.40 -0.18 5.26
N TRP A 194 -13.05 -0.52 6.37
CA TRP A 194 -14.33 -1.26 6.40
C TRP A 194 -15.29 -0.52 7.35
N GLN A 195 -16.57 -0.65 7.07
CA GLN A 195 -17.66 -0.23 7.98
C GLN A 195 -18.66 -1.40 8.08
N GLN A 196 -19.32 -1.51 9.22
CA GLN A 196 -20.53 -2.35 9.40
C GLN A 196 -21.68 -1.67 8.68
N VAL A 197 -22.17 -2.23 7.59
CA VAL A 197 -23.31 -1.67 6.83
C VAL A 197 -24.48 -2.65 7.02
N GLU A 198 -25.45 -2.26 7.85
CA GLU A 198 -26.57 -3.15 8.29
C GLU A 198 -26.06 -4.51 8.70
N GLU A 199 -25.13 -4.52 9.64
CA GLU A 199 -24.64 -5.67 10.40
C GLU A 199 -23.79 -6.61 9.54
N LEU A 200 -23.32 -6.21 8.35
CA LEU A 200 -22.27 -7.00 7.63
C LEU A 200 -21.13 -6.06 7.18
N PRO A 201 -19.88 -6.56 7.12
CA PRO A 201 -18.74 -5.76 6.66
C PRO A 201 -18.91 -5.31 5.22
N ARG A 202 -18.48 -4.07 4.95
CA ARG A 202 -18.43 -3.44 3.63
C ARG A 202 -17.05 -2.80 3.51
N LEU A 203 -16.35 -3.09 2.40
CA LEU A 203 -15.03 -2.50 2.14
C LEU A 203 -15.34 -1.11 1.55
N THR A 204 -15.14 -0.07 2.36
CA THR A 204 -15.60 1.30 2.00
C THR A 204 -14.46 2.15 1.38
N GLY A 205 -13.21 1.89 1.72
CA GLY A 205 -12.10 2.70 1.20
C GLY A 205 -10.78 1.97 1.18
N ILE A 206 -9.91 2.42 0.30
CA ILE A 206 -8.51 1.96 0.24
C ILE A 206 -7.61 3.21 0.20
N VAL A 207 -6.61 3.21 1.03
CA VAL A 207 -5.71 4.38 1.19
C VAL A 207 -4.27 3.89 0.90
N ASP A 208 -3.36 4.85 0.87
CA ASP A 208 -1.91 4.59 0.77
C ASP A 208 -1.62 3.97 -0.60
N TRP A 209 -1.91 4.74 -1.66
CA TRP A 209 -1.65 4.36 -3.07
C TRP A 209 -0.23 4.73 -3.52
N ASP A 210 0.72 4.80 -2.60
CA ASP A 210 2.13 5.21 -2.86
C ASP A 210 2.82 4.20 -3.79
N GLU A 211 2.55 2.92 -3.65
CA GLU A 211 3.23 1.90 -4.46
C GLU A 211 2.39 1.48 -5.64
N ALA A 212 1.38 2.25 -6.00
CA ALA A 212 0.43 1.81 -7.05
C ALA A 212 1.20 1.69 -8.36
N LYS A 213 0.84 0.71 -9.16
CA LYS A 213 1.48 0.55 -10.47
C LYS A 213 0.66 -0.34 -11.39
N VAL A 214 1.04 -0.35 -12.65
CA VAL A 214 0.65 -1.42 -13.59
C VAL A 214 1.55 -2.64 -13.34
N GLY A 215 0.95 -3.76 -12.93
CA GLY A 215 1.72 -4.90 -12.48
C GLY A 215 0.95 -6.19 -12.49
N ASP A 216 1.32 -7.03 -11.54
CA ASP A 216 0.88 -8.43 -11.48
C ASP A 216 -0.21 -8.50 -10.43
N PRO A 217 -1.44 -8.94 -10.78
CA PRO A 217 -2.49 -9.11 -9.77
C PRO A 217 -2.16 -10.11 -8.67
N ALA A 218 -1.18 -11.00 -8.90
CA ALA A 218 -0.76 -11.93 -7.83
C ALA A 218 -0.18 -11.18 -6.64
N GLU A 219 0.43 -10.01 -6.87
CA GLU A 219 1.13 -9.29 -5.78
C GLU A 219 0.15 -8.82 -4.72
N ASP A 220 -1.03 -8.30 -5.11
CA ASP A 220 -2.05 -7.88 -4.09
C ASP A 220 -2.69 -9.11 -3.42
N LEU A 221 -2.93 -10.20 -4.17
CA LEU A 221 -3.45 -11.45 -3.54
C LEU A 221 -2.48 -11.95 -2.47
N ALA A 222 -1.16 -11.86 -2.73
CA ALA A 222 -0.15 -12.25 -1.72
C ALA A 222 -0.36 -11.47 -0.44
N ALA A 223 -0.50 -10.14 -0.53
CA ALA A 223 -0.68 -9.26 0.64
C ALA A 223 -1.98 -9.58 1.41
N VAL A 224 -3.04 -9.88 0.69
CA VAL A 224 -4.33 -10.26 1.36
C VAL A 224 -4.14 -11.54 2.14
N GLY A 225 -3.53 -12.51 1.50
CA GLY A 225 -3.17 -13.79 2.14
C GLY A 225 -2.34 -13.60 3.38
N ALA A 226 -1.32 -12.74 3.34
CA ALA A 226 -0.41 -12.56 4.48
C ALA A 226 -1.18 -11.90 5.61
N SER A 227 -2.12 -10.99 5.35
CA SER A 227 -2.85 -10.29 6.43
C SER A 227 -3.93 -11.18 7.05
N TYR A 228 -4.56 -12.05 6.26
CA TYR A 228 -5.85 -12.68 6.65
C TYR A 228 -5.78 -14.19 6.62
N GLY A 229 -4.75 -14.78 6.01
CA GLY A 229 -4.56 -16.23 6.09
C GLY A 229 -5.18 -16.95 4.88
N PRO A 230 -4.86 -18.26 4.78
CA PRO A 230 -5.19 -19.06 3.61
C PRO A 230 -6.70 -19.26 3.40
N GLU A 231 -7.49 -19.34 4.48
CA GLU A 231 -8.97 -19.52 4.42
C GLU A 231 -9.57 -18.34 3.64
N LEU A 232 -9.23 -17.10 3.99
CA LEU A 232 -9.77 -15.95 3.21
C LEU A 232 -9.24 -15.94 1.79
N VAL A 233 -7.91 -16.01 1.59
CA VAL A 233 -7.37 -15.81 0.23
C VAL A 233 -7.83 -16.94 -0.69
N GLU A 234 -7.99 -18.17 -0.19
CA GLU A 234 -8.55 -19.28 -1.04
C GLU A 234 -9.92 -18.90 -1.58
N ARG A 235 -10.74 -18.25 -0.78
CA ARG A 235 -12.13 -17.89 -1.20
C ARG A 235 -12.04 -16.80 -2.26
N VAL A 236 -11.17 -15.79 -2.03
CA VAL A 236 -10.97 -14.70 -2.98
C VAL A 236 -10.51 -15.30 -4.28
N VAL A 237 -9.47 -16.16 -4.23
CA VAL A 237 -8.90 -16.76 -5.48
C VAL A 237 -10.00 -17.59 -6.20
N ALA A 238 -10.75 -18.39 -5.47
CA ALA A 238 -11.83 -19.23 -6.08
C ALA A 238 -12.86 -18.37 -6.83
N LEU A 239 -13.32 -17.30 -6.20
CA LEU A 239 -14.26 -16.35 -6.78
C LEU A 239 -13.65 -15.70 -8.00
N LEU A 240 -12.35 -15.33 -7.96
CA LEU A 240 -11.75 -14.69 -9.15
C LEU A 240 -11.41 -15.73 -10.22
N GLY A 241 -11.42 -17.03 -9.92
CA GLY A 241 -10.92 -18.03 -10.88
C GLY A 241 -9.41 -17.86 -11.11
N ALA A 242 -8.66 -17.51 -10.07
CA ALA A 242 -7.22 -17.11 -10.15
C ALA A 242 -6.33 -18.25 -9.65
N GLY A 243 -6.80 -19.51 -9.72
CA GLY A 243 -6.05 -20.67 -9.20
C GLY A 243 -4.72 -20.84 -9.88
N ASP A 244 -4.60 -20.40 -11.12
CA ASP A 244 -3.32 -20.39 -11.87
C ASP A 244 -2.26 -19.50 -11.20
N LEU A 245 -2.61 -18.61 -10.28
CA LEU A 245 -1.69 -17.59 -9.74
C LEU A 245 -0.96 -18.09 -8.50
N TRP A 246 -1.33 -19.24 -7.96
CA TRP A 246 -0.81 -19.67 -6.65
C TRP A 246 0.74 -19.63 -6.59
N PRO A 247 1.48 -20.12 -7.59
CA PRO A 247 2.95 -20.14 -7.48
C PRO A 247 3.52 -18.71 -7.38
N ARG A 248 2.94 -17.79 -8.12
CA ARG A 248 3.35 -16.38 -8.05
C ARG A 248 2.97 -15.81 -6.69
N ILE A 249 1.74 -16.04 -6.22
CA ILE A 249 1.31 -15.58 -4.86
C ILE A 249 2.33 -16.03 -3.83
N ARG A 250 2.73 -17.30 -3.84
CA ARG A 250 3.65 -17.79 -2.80
C ARG A 250 5.06 -17.15 -2.97
N ALA A 251 5.49 -16.95 -4.20
CA ALA A 251 6.80 -16.28 -4.46
C ALA A 251 6.80 -14.86 -3.87
N TYR A 252 5.74 -14.06 -4.08
CA TYR A 252 5.64 -12.75 -3.41
C TYR A 252 5.70 -12.95 -1.92
N GLN A 253 4.89 -13.85 -1.34
CA GLN A 253 4.80 -13.95 0.14
C GLN A 253 6.15 -14.35 0.73
N GLY A 254 6.92 -15.18 0.04
CA GLY A 254 8.22 -15.62 0.56
C GLY A 254 9.20 -14.46 0.69
N THR A 255 8.94 -13.31 0.06
CA THR A 255 9.82 -12.11 0.08
C THR A 255 9.43 -11.09 1.16
N PHE A 256 8.28 -11.24 1.83
CA PHE A 256 7.68 -10.18 2.68
C PHE A 256 8.58 -9.86 3.88
N ALA A 257 9.18 -10.86 4.53
CA ALA A 257 10.08 -10.62 5.68
C ALA A 257 11.39 -9.91 5.24
N LEU A 258 11.95 -10.30 4.10
CA LEU A 258 13.14 -9.65 3.56
C LEU A 258 12.77 -8.21 3.15
N GLN A 259 11.57 -7.99 2.58
CA GLN A 259 11.08 -6.64 2.17
C GLN A 259 11.01 -5.78 3.44
N GLN A 260 10.46 -6.35 4.51
CA GLN A 260 10.35 -5.67 5.80
C GLN A 260 11.75 -5.33 6.35
N ALA A 261 12.67 -6.31 6.38
CA ALA A 261 14.04 -6.14 6.92
C ALA A 261 14.77 -5.07 6.11
N LEU A 262 14.76 -5.17 4.77
CA LEU A 262 15.51 -4.24 3.91
C LEU A 262 14.95 -2.83 4.14
N ALA A 263 13.62 -2.70 4.23
CA ALA A 263 12.98 -1.37 4.48
C ALA A 263 13.46 -0.84 5.84
N GLY A 264 13.35 -1.63 6.90
CA GLY A 264 13.90 -1.35 8.24
C GLY A 264 15.32 -0.77 8.14
N ALA A 265 16.23 -1.43 7.44
CA ALA A 265 17.63 -0.96 7.32
C ALA A 265 17.66 0.40 6.58
N GLU A 266 17.04 0.46 5.39
CA GLU A 266 17.06 1.65 4.46
C GLU A 266 16.33 2.86 5.10
N ASP A 267 15.46 2.64 6.10
CA ASP A 267 14.57 3.68 6.70
C ASP A 267 14.95 3.92 8.17
N GLY A 268 15.95 3.20 8.69
CA GLY A 268 16.39 3.37 10.10
C GLY A 268 15.32 2.98 11.10
N ASP A 269 14.47 2.01 10.74
CA ASP A 269 13.48 1.44 11.69
C ASP A 269 14.03 0.13 12.24
N ASP A 270 14.52 0.14 13.47
CA ASP A 270 15.32 -0.97 14.02
C ASP A 270 14.36 -2.11 14.32
N GLU A 271 13.12 -1.82 14.70
CA GLU A 271 12.10 -2.85 15.07
C GLU A 271 11.75 -3.65 13.82
N GLU A 272 11.59 -2.98 12.67
CA GLU A 272 11.25 -3.64 11.39
C GLU A 272 12.43 -4.49 10.93
N LEU A 273 13.65 -3.95 11.04
CA LEU A 273 14.90 -4.68 10.67
C LEU A 273 14.98 -5.95 11.50
N GLU A 274 14.83 -5.85 12.82
CA GLU A 274 14.96 -7.01 13.73
C GLU A 274 13.81 -7.98 13.44
N ASP A 275 12.59 -7.48 13.26
CA ASP A 275 11.40 -8.36 13.09
C ASP A 275 11.53 -9.12 11.76
N GLY A 276 11.99 -8.42 10.73
CA GLY A 276 12.16 -9.02 9.38
C GLY A 276 13.21 -10.11 9.39
N LEU A 277 14.28 -9.93 10.18
CA LEU A 277 15.42 -10.88 10.16
C LEU A 277 15.21 -12.12 11.06
N THR A 278 14.14 -12.26 11.87
CA THR A 278 14.11 -13.35 12.88
C THR A 278 14.27 -14.73 12.24
N ALA A 279 13.63 -15.02 11.11
CA ALA A 279 13.72 -16.33 10.44
C ALA A 279 15.11 -16.58 9.82
N TYR A 280 15.99 -15.58 9.76
CA TYR A 280 17.26 -15.62 8.98
C TYR A 280 18.49 -15.67 9.90
N ARG A 281 18.29 -15.66 11.21
CA ARG A 281 19.38 -15.93 12.19
C ARG A 281 18.78 -16.66 13.39
N LYS A 282 19.43 -17.75 13.80
CA LYS A 282 19.03 -18.51 15.01
C LYS A 282 19.51 -17.70 16.23
N LEU A 283 20.73 -17.14 16.18
CA LEU A 283 21.30 -16.24 17.24
C LEU A 283 20.40 -15.00 17.41
#